data_3A04
#
_entry.id   3A04
#
_cell.length_a   98.709
_cell.length_b   103.194
_cell.length_c   97.806
_cell.angle_alpha   90.00
_cell.angle_beta   90.00
_cell.angle_gamma   90.00
#
_symmetry.space_group_name_H-M   'C 2 2 21'
#
loop_
_entity.id
_entity.type
_entity.pdbx_description
1 polymer 'Tryptophanyl-tRNA synthetase'
2 non-polymer 'IRON/SULFUR CLUSTER'
3 non-polymer 'CADMIUM ION'
4 water water
#
_entity_poly.entity_id   1
_entity_poly.type   'polypeptide(L)'
_entity_poly.pdbx_seq_one_letter_code
;MAAERLDPWGAVEIKDYDRLLRTFGIRPFSEVLPLLRKAGMEPSFLMRRGIIFGHRDFDKILEAKARGERVAVLTGFMPS
GKFHFGHKLTVDQLIYLQKNGFKVFVAIADAEAFAVRRIGREEAVRIAVEEYIANMIALGLDPKDTEFYFQTNRGTPYFR
LIQLFSGKVTAAEMEAIYGELTPAKMMASLTQAADILHVQLDEYGGYRHVVVPVGADQDPHLRLTRDLADRMAGVVELER
PASTYHKLQPGLDGRKMSSSRPDSTIFLTDPPEVARNKLFRALTGGRATAEEQRRLGGVPEVCSVYHMDLYHLMPDDGEV
KHIYTSCRLGKILCGECKQIAWEKLERFLAEHQSRLEKAKTIAWKLVEPPRF
;
_entity_poly.pdbx_strand_id   A
#
# COMPACT_ATOMS: atom_id res chain seq x y z
N LEU A 6 15.68 1.28 -24.49
CA LEU A 6 15.50 2.56 -23.74
C LEU A 6 14.18 2.56 -22.95
N ASP A 7 14.10 1.66 -21.97
CA ASP A 7 12.86 1.32 -21.24
C ASP A 7 12.86 1.76 -19.74
N PRO A 8 12.65 3.07 -19.44
CA PRO A 8 12.76 3.49 -18.03
C PRO A 8 11.63 2.95 -17.11
N TRP A 9 10.39 2.91 -17.64
CA TRP A 9 9.20 2.44 -16.90
C TRP A 9 9.12 0.91 -16.70
N GLY A 10 9.74 0.16 -17.61
CA GLY A 10 9.71 -1.30 -17.53
C GLY A 10 8.34 -1.85 -17.89
N ALA A 11 7.91 -1.59 -19.13
CA ALA A 11 6.68 -2.16 -19.68
C ALA A 11 6.77 -3.69 -19.88
N VAL A 12 7.92 -4.18 -20.38
CA VAL A 12 8.15 -5.62 -20.68
C VAL A 12 8.18 -6.57 -19.44
N GLU A 13 8.36 -6.01 -18.25
CA GLU A 13 8.36 -6.78 -17.01
C GLU A 13 6.94 -7.11 -16.51
N ILE A 14 5.94 -6.41 -17.05
CA ILE A 14 4.53 -6.52 -16.60
C ILE A 14 3.58 -7.28 -17.56
N LYS A 15 3.90 -7.27 -18.87
CA LYS A 15 3.18 -8.03 -19.91
C LYS A 15 3.29 -9.55 -19.71
N ASP A 16 4.32 -9.97 -18.97
CA ASP A 16 4.63 -11.38 -18.78
C ASP A 16 3.63 -12.12 -17.86
N TYR A 17 3.19 -11.46 -16.79
CA TYR A 17 2.27 -12.09 -15.84
C TYR A 17 0.90 -11.45 -15.84
N ASP A 18 0.73 -10.33 -16.54
CA ASP A 18 -0.60 -9.76 -16.71
C ASP A 18 -1.53 -10.69 -17.46
N ARG A 19 -0.90 -11.60 -18.24
CA ARG A 19 -1.62 -12.72 -18.85
C ARG A 19 -2.19 -13.65 -17.75
N LEU A 20 -1.35 -14.11 -16.85
CA LEU A 20 -1.83 -15.02 -15.81
C LEU A 20 -2.88 -14.38 -14.86
N LEU A 21 -2.64 -13.15 -14.44
CA LEU A 21 -3.60 -12.47 -13.58
C LEU A 21 -4.97 -12.23 -14.25
N ARG A 22 -5.03 -12.28 -15.60
CA ARG A 22 -6.33 -12.08 -16.31
C ARG A 22 -7.31 -13.20 -16.00
N THR A 23 -6.76 -14.38 -15.69
CA THR A 23 -7.52 -15.52 -15.14
C THR A 23 -8.42 -15.11 -13.96
N PHE A 24 -7.95 -14.13 -13.18
CA PHE A 24 -8.67 -13.72 -11.96
C PHE A 24 -9.44 -12.43 -12.20
N GLY A 25 -9.50 -12.06 -13.47
CA GLY A 25 -10.26 -10.87 -13.89
C GLY A 25 -9.51 -9.58 -13.61
N ILE A 26 -8.22 -9.70 -13.37
CA ILE A 26 -7.37 -8.49 -13.24
C ILE A 26 -6.94 -7.97 -14.60
N ARG A 27 -7.20 -6.70 -14.84
CA ARG A 27 -6.95 -6.03 -16.12
C ARG A 27 -5.77 -5.07 -16.09
N PRO A 28 -5.19 -4.75 -17.28
CA PRO A 28 -4.19 -3.64 -17.32
C PRO A 28 -4.82 -2.37 -16.82
N PHE A 29 -4.08 -1.64 -15.97
CA PHE A 29 -4.56 -0.35 -15.48
C PHE A 29 -4.88 0.63 -16.58
N SER A 30 -4.14 0.57 -17.67
CA SER A 30 -4.39 1.56 -18.76
C SER A 30 -5.87 1.59 -19.29
N GLU A 31 -6.61 0.49 -19.14
CA GLU A 31 -8.00 0.47 -19.64
C GLU A 31 -8.89 1.46 -18.88
N VAL A 32 -8.46 1.94 -17.69
CA VAL A 32 -9.31 2.91 -17.01
C VAL A 32 -8.92 4.33 -17.30
N LEU A 33 -7.93 4.57 -18.15
CA LEU A 33 -7.51 5.94 -18.40
C LEU A 33 -8.65 6.86 -18.82
N PRO A 34 -9.48 6.39 -19.78
CA PRO A 34 -10.53 7.27 -20.26
C PRO A 34 -11.56 7.50 -19.12
N LEU A 35 -11.84 6.49 -18.31
CA LEU A 35 -12.74 6.73 -17.17
C LEU A 35 -12.15 7.69 -16.17
N LEU A 36 -10.85 7.53 -15.96
CA LEU A 36 -10.11 8.42 -15.04
C LEU A 36 -10.28 9.89 -15.48
N ARG A 37 -9.99 10.19 -16.74
CA ARG A 37 -10.40 11.51 -17.33
C ARG A 37 -11.85 11.98 -17.08
N LYS A 38 -12.82 11.13 -17.41
CA LYS A 38 -14.21 11.53 -17.29
C LYS A 38 -14.50 11.85 -15.84
N ALA A 39 -13.85 11.11 -14.91
CA ALA A 39 -13.99 11.46 -13.48
C ALA A 39 -13.20 12.73 -13.04
N GLY A 40 -12.54 13.40 -13.99
CA GLY A 40 -11.84 14.65 -13.66
C GLY A 40 -10.52 14.41 -12.90
N MET A 41 -9.81 13.32 -13.20
CA MET A 41 -8.66 12.87 -12.43
C MET A 41 -7.53 12.69 -13.42
N GLU A 42 -6.33 13.13 -13.08
CA GLU A 42 -5.13 12.78 -13.86
C GLU A 42 -4.32 11.70 -13.15
N PRO A 43 -3.71 10.78 -13.91
CA PRO A 43 -3.04 9.69 -13.26
C PRO A 43 -1.92 10.25 -12.36
N SER A 44 -1.71 9.57 -11.24
CA SER A 44 -0.57 9.82 -10.32
C SER A 44 0.72 9.33 -10.97
N PHE A 45 1.90 9.70 -10.43
CA PHE A 45 3.09 9.16 -11.04
C PHE A 45 3.24 7.69 -10.91
N LEU A 46 2.70 7.07 -9.85
CA LEU A 46 2.82 5.61 -9.78
C LEU A 46 2.03 4.96 -10.93
N MET A 47 0.92 5.57 -11.29
CA MET A 47 0.10 5.06 -12.44
C MET A 47 0.91 5.27 -13.74
N ARG A 48 1.38 6.50 -13.95
CA ARG A 48 2.20 6.74 -15.16
C ARG A 48 3.35 5.76 -15.31
N ARG A 49 4.03 5.43 -14.19
CA ARG A 49 5.21 4.56 -14.27
C ARG A 49 4.90 3.09 -14.34
N GLY A 50 3.59 2.78 -14.30
CA GLY A 50 3.20 1.39 -14.37
C GLY A 50 3.53 0.64 -13.10
N ILE A 51 3.78 1.36 -11.99
CA ILE A 51 3.96 0.65 -10.70
C ILE A 51 2.56 0.18 -10.24
N ILE A 52 1.58 1.02 -10.44
CA ILE A 52 0.18 0.55 -10.38
C ILE A 52 -0.17 -0.04 -11.75
N PHE A 53 -0.12 -1.35 -11.85
CA PHE A 53 -0.14 -1.98 -13.19
C PHE A 53 -1.51 -2.65 -13.57
N GLY A 54 -2.37 -2.83 -12.54
CA GLY A 54 -3.58 -3.64 -12.73
C GLY A 54 -4.77 -3.05 -12.00
N HIS A 55 -5.98 -3.51 -12.40
CA HIS A 55 -7.19 -3.15 -11.60
C HIS A 55 -8.22 -4.27 -11.80
N ARG A 56 -9.16 -4.36 -10.87
CA ARG A 56 -10.36 -5.17 -11.11
C ARG A 56 -11.54 -4.32 -10.67
N ASP A 57 -12.44 -4.00 -11.60
CA ASP A 57 -13.69 -3.25 -11.31
C ASP A 57 -13.49 -1.79 -10.91
N PHE A 58 -12.26 -1.24 -10.99
CA PHE A 58 -12.07 0.22 -10.68
C PHE A 58 -12.84 1.14 -11.66
N ASP A 59 -13.05 0.64 -12.87
CA ASP A 59 -14.02 1.31 -13.79
C ASP A 59 -15.41 1.59 -13.21
N LYS A 60 -15.98 0.58 -12.55
CA LYS A 60 -17.29 0.78 -11.87
C LYS A 60 -17.18 1.87 -10.83
N ILE A 61 -16.01 1.93 -10.12
CA ILE A 61 -15.88 2.98 -9.10
C ILE A 61 -15.92 4.36 -9.72
N LEU A 62 -15.15 4.51 -10.81
CA LEU A 62 -14.93 5.80 -11.44
C LEU A 62 -16.28 6.20 -12.10
N GLU A 63 -17.03 5.18 -12.59
CA GLU A 63 -18.40 5.47 -13.16
C GLU A 63 -19.28 6.05 -12.09
N ALA A 64 -19.30 5.39 -10.92
CA ALA A 64 -20.08 6.01 -9.79
C ALA A 64 -19.63 7.43 -9.45
N LYS A 65 -18.30 7.59 -9.33
CA LYS A 65 -17.80 8.91 -9.01
C LYS A 65 -18.21 10.00 -10.03
N ALA A 66 -18.08 9.69 -11.30
CA ALA A 66 -18.47 10.66 -12.35
C ALA A 66 -19.97 11.06 -12.30
N ARG A 67 -20.87 10.20 -11.83
CA ARG A 67 -22.25 10.62 -11.80
C ARG A 67 -22.53 11.29 -10.49
N GLY A 68 -21.49 11.40 -9.63
CA GLY A 68 -21.59 12.26 -8.45
C GLY A 68 -21.73 11.50 -7.14
N GLU A 69 -21.57 10.18 -7.19
CA GLU A 69 -21.70 9.38 -5.94
C GLU A 69 -20.36 9.57 -5.09
N ARG A 70 -20.43 9.61 -3.76
CA ARG A 70 -19.15 9.67 -2.98
C ARG A 70 -18.59 8.22 -2.99
N VAL A 71 -17.31 8.05 -3.37
CA VAL A 71 -16.63 6.72 -3.48
C VAL A 71 -15.54 6.62 -2.40
N ALA A 72 -15.06 5.41 -2.10
CA ALA A 72 -14.17 5.21 -0.95
C ALA A 72 -12.99 4.33 -1.31
N VAL A 73 -11.92 4.47 -0.53
CA VAL A 73 -10.82 3.55 -0.60
C VAL A 73 -10.58 3.10 0.81
N LEU A 74 -10.17 1.83 0.98
CA LEU A 74 -10.00 1.25 2.27
C LEU A 74 -8.68 0.48 2.26
N THR A 75 -7.88 0.56 3.32
CA THR A 75 -6.83 -0.43 3.45
C THR A 75 -6.61 -0.69 4.94
N GLY A 76 -5.85 -1.74 5.27
CA GLY A 76 -5.53 -2.01 6.65
C GLY A 76 -4.03 -2.07 6.89
N PHE A 77 -3.64 -1.82 8.15
CA PHE A 77 -2.22 -1.90 8.60
C PHE A 77 -2.17 -2.72 9.88
N MET A 78 -1.21 -3.61 9.89
CA MET A 78 -0.78 -4.42 11.04
C MET A 78 0.11 -3.55 11.93
N PRO A 79 -0.31 -3.29 13.19
CA PRO A 79 0.51 -2.39 14.05
C PRO A 79 1.65 -3.14 14.71
N SER A 80 2.67 -3.49 13.93
CA SER A 80 3.78 -4.24 14.40
C SER A 80 5.01 -3.60 13.74
N GLY A 81 6.07 -3.32 14.51
CA GLY A 81 7.33 -2.83 13.89
C GLY A 81 7.21 -1.42 13.35
N LYS A 82 8.22 -0.94 12.63
CA LYS A 82 8.20 0.48 12.33
C LYS A 82 7.66 0.72 10.93
N PHE A 83 7.15 1.95 10.73
CA PHE A 83 6.61 2.36 9.44
C PHE A 83 7.75 2.60 8.44
N HIS A 84 7.65 1.96 7.26
CA HIS A 84 8.73 1.98 6.30
C HIS A 84 8.25 2.41 4.92
N PHE A 85 9.14 2.43 3.93
CA PHE A 85 8.74 2.86 2.57
C PHE A 85 7.77 1.90 1.85
N GLY A 86 7.70 0.64 2.29
CA GLY A 86 6.62 -0.27 1.79
C GLY A 86 5.26 0.32 2.21
N HIS A 87 5.16 0.73 3.45
CA HIS A 87 3.91 1.30 3.94
C HIS A 87 3.68 2.62 3.26
N LYS A 88 4.74 3.42 3.05
CA LYS A 88 4.52 4.71 2.42
C LYS A 88 3.87 4.59 1.05
N LEU A 89 4.27 3.58 0.28
CA LEU A 89 3.71 3.41 -1.07
C LEU A 89 2.19 3.25 -0.98
N THR A 90 1.70 2.50 0.00
CA THR A 90 0.25 2.39 0.14
C THR A 90 -0.38 3.73 0.51
N VAL A 91 0.20 4.45 1.50
CA VAL A 91 -0.39 5.73 1.94
C VAL A 91 -0.36 6.75 0.84
N ASP A 92 0.72 6.75 0.06
CA ASP A 92 0.79 7.69 -1.06
C ASP A 92 -0.39 7.46 -2.02
N GLN A 93 -0.76 6.21 -2.27
CA GLN A 93 -1.98 5.92 -3.12
C GLN A 93 -3.25 6.41 -2.39
N LEU A 94 -3.37 6.21 -1.08
CA LEU A 94 -4.50 6.88 -0.38
C LEU A 94 -4.56 8.36 -0.48
N ILE A 95 -3.41 9.04 -0.37
CA ILE A 95 -3.43 10.52 -0.40
C ILE A 95 -3.83 10.98 -1.78
N TYR A 96 -3.30 10.36 -2.79
CA TYR A 96 -3.76 10.75 -4.14
C TYR A 96 -5.31 10.63 -4.24
N LEU A 97 -5.84 9.46 -3.87
CA LEU A 97 -7.28 9.29 -3.99
C LEU A 97 -7.98 10.29 -3.08
N GLN A 98 -7.48 10.56 -1.87
CA GLN A 98 -8.17 11.50 -1.01
C GLN A 98 -8.22 12.90 -1.65
N LYS A 99 -7.10 13.38 -2.19
CA LYS A 99 -7.15 14.70 -2.86
C LYS A 99 -8.10 14.69 -4.06
N ASN A 100 -8.35 13.53 -4.66
CA ASN A 100 -9.34 13.47 -5.79
C ASN A 100 -10.77 13.10 -5.32
N GLY A 101 -11.06 13.33 -4.06
CA GLY A 101 -12.42 13.20 -3.61
C GLY A 101 -12.80 11.89 -2.92
N PHE A 102 -11.91 10.87 -2.85
CA PHE A 102 -12.32 9.58 -2.20
C PHE A 102 -12.39 9.71 -0.72
N LYS A 103 -13.39 9.05 -0.07
CA LYS A 103 -13.38 8.93 1.37
C LYS A 103 -12.33 7.85 1.71
N VAL A 104 -11.41 8.13 2.61
CA VAL A 104 -10.41 7.14 2.98
C VAL A 104 -10.75 6.51 4.34
N PHE A 105 -10.67 5.17 4.37
CA PHE A 105 -10.83 4.41 5.58
C PHE A 105 -9.52 3.70 5.80
N VAL A 106 -9.03 3.76 7.03
CA VAL A 106 -7.81 3.06 7.40
C VAL A 106 -8.11 2.15 8.59
N ALA A 107 -8.00 0.84 8.37
CA ALA A 107 -8.24 -0.08 9.46
C ALA A 107 -6.89 -0.39 10.15
N ILE A 108 -6.89 -0.38 11.48
CA ILE A 108 -5.83 -0.92 12.28
C ILE A 108 -6.16 -2.33 12.71
N ALA A 109 -5.33 -3.28 12.24
CA ALA A 109 -5.52 -4.71 12.55
C ALA A 109 -5.11 -5.17 13.90
N ASP A 110 -5.59 -4.49 14.99
CA ASP A 110 -5.16 -4.84 16.33
C ASP A 110 -5.74 -6.15 16.86
N ALA A 111 -6.90 -6.62 16.33
CA ALA A 111 -7.41 -7.91 16.71
C ALA A 111 -6.46 -9.03 16.15
N GLU A 112 -6.10 -8.92 14.90
CA GLU A 112 -5.15 -9.86 14.31
C GLU A 112 -3.79 -9.80 15.02
N ALA A 113 -3.35 -8.58 15.32
CA ALA A 113 -2.06 -8.38 16.03
C ALA A 113 -2.06 -9.16 17.35
N PHE A 114 -3.18 -9.09 18.09
CA PHE A 114 -3.28 -9.79 19.35
C PHE A 114 -3.34 -11.30 19.11
N ALA A 115 -4.31 -11.73 18.31
CA ALA A 115 -4.69 -13.16 18.26
C ALA A 115 -3.72 -13.99 17.40
N VAL A 116 -3.23 -13.44 16.32
CA VAL A 116 -2.34 -14.21 15.42
C VAL A 116 -0.89 -13.87 15.87
N ARG A 117 -0.57 -12.59 16.02
CA ARG A 117 0.89 -12.26 16.18
C ARG A 117 1.32 -12.16 17.62
N ARG A 118 0.36 -12.29 18.54
CA ARG A 118 0.63 -12.32 19.97
C ARG A 118 1.19 -11.00 20.43
N ILE A 119 0.74 -9.91 19.83
CA ILE A 119 1.15 -8.58 20.25
C ILE A 119 0.20 -8.04 21.32
N GLY A 120 0.76 -7.61 22.45
CA GLY A 120 -0.04 -7.03 23.56
C GLY A 120 -0.97 -5.88 23.20
N ARG A 121 -2.05 -5.72 23.99
CA ARG A 121 -3.05 -4.70 23.72
C ARG A 121 -2.45 -3.33 23.81
N GLU A 122 -1.75 -3.06 24.90
CA GLU A 122 -1.27 -1.69 25.11
C GLU A 122 -0.27 -1.29 23.98
N GLU A 123 0.60 -2.23 23.65
CA GLU A 123 1.65 -1.99 22.65
C GLU A 123 1.04 -1.84 21.20
N ALA A 124 0.12 -2.74 20.82
CA ALA A 124 -0.57 -2.60 19.52
C ALA A 124 -1.16 -1.25 19.36
N VAL A 125 -1.82 -0.74 20.42
CA VAL A 125 -2.52 0.54 20.33
C VAL A 125 -1.53 1.69 20.21
N ARG A 126 -0.48 1.64 21.03
CA ARG A 126 0.58 2.62 20.99
C ARG A 126 1.15 2.73 19.59
N ILE A 127 1.68 1.61 19.10
CA ILE A 127 2.29 1.53 17.76
C ILE A 127 1.32 2.01 16.71
N ALA A 128 0.03 1.60 16.82
CA ALA A 128 -0.92 2.06 15.79
C ALA A 128 -1.02 3.54 15.77
N VAL A 129 -1.07 4.17 16.96
CA VAL A 129 -1.28 5.62 16.91
C VAL A 129 0.04 6.40 16.56
N GLU A 130 1.12 6.04 17.23
CA GLU A 130 2.38 6.85 17.18
C GLU A 130 3.31 6.44 16.07
N GLU A 131 3.24 5.18 15.63
CA GLU A 131 4.01 4.72 14.51
C GLU A 131 3.19 4.72 13.19
N TYR A 132 1.93 4.30 13.21
CA TYR A 132 1.23 4.20 11.97
C TYR A 132 0.42 5.47 11.72
N ILE A 133 -0.58 5.76 12.58
CA ILE A 133 -1.44 6.90 12.26
C ILE A 133 -0.59 8.20 12.16
N ALA A 134 0.31 8.39 13.12
CA ALA A 134 1.06 9.65 13.13
C ALA A 134 1.92 9.76 11.87
N ASN A 135 2.56 8.68 11.43
CA ASN A 135 3.32 8.77 10.14
C ASN A 135 2.43 9.02 8.93
N MET A 136 1.23 8.43 8.93
CA MET A 136 0.31 8.70 7.84
C MET A 136 -0.13 10.18 7.76
N ILE A 137 -0.40 10.77 8.91
CA ILE A 137 -0.78 12.18 8.96
C ILE A 137 0.41 13.08 8.46
N ALA A 138 1.61 12.75 8.92
CA ALA A 138 2.82 13.53 8.59
C ALA A 138 3.12 13.41 7.07
N LEU A 139 2.70 12.27 6.48
CA LEU A 139 2.78 12.13 5.03
C LEU A 139 1.83 12.95 4.24
N GLY A 140 0.69 13.32 4.82
CA GLY A 140 -0.25 14.21 4.18
C GLY A 140 -1.68 13.68 4.16
N LEU A 141 -1.92 12.54 4.80
CA LEU A 141 -3.28 12.02 4.92
C LEU A 141 -4.06 12.98 5.84
N ASP A 142 -5.24 13.39 5.44
CA ASP A 142 -5.96 14.43 6.16
C ASP A 142 -6.51 13.96 7.53
N PRO A 143 -6.11 14.59 8.64
CA PRO A 143 -6.58 14.12 9.97
C PRO A 143 -8.09 14.25 10.19
N LYS A 144 -8.74 15.19 9.51
CA LYS A 144 -10.15 15.48 9.70
C LYS A 144 -10.99 14.45 8.95
N ASP A 145 -10.69 14.24 7.67
CA ASP A 145 -11.62 13.49 6.84
C ASP A 145 -11.25 12.00 6.69
N THR A 146 -10.10 11.57 7.20
CA THR A 146 -9.69 10.18 7.10
C THR A 146 -10.41 9.47 8.23
N GLU A 147 -10.96 8.28 7.96
CA GLU A 147 -11.62 7.55 9.09
C GLU A 147 -10.73 6.42 9.54
N PHE A 148 -10.01 6.59 10.65
CA PHE A 148 -9.16 5.53 11.18
C PHE A 148 -10.01 4.75 12.20
N TYR A 149 -9.76 3.42 12.34
CA TYR A 149 -10.44 2.67 13.36
C TYR A 149 -9.70 1.45 13.72
N PHE A 150 -10.06 0.89 14.88
CA PHE A 150 -9.47 -0.36 15.37
C PHE A 150 -10.51 -1.48 15.14
N GLN A 151 -10.04 -2.61 14.64
CA GLN A 151 -10.85 -3.82 14.45
C GLN A 151 -11.58 -4.16 15.78
N THR A 152 -10.98 -3.86 16.91
CA THR A 152 -11.56 -4.30 18.16
C THR A 152 -12.46 -3.19 18.71
N ASN A 153 -12.65 -2.14 17.97
CA ASN A 153 -13.51 -1.06 18.52
C ASN A 153 -14.40 -0.45 17.49
N ARG A 154 -14.94 -1.26 16.57
CA ARG A 154 -15.59 -0.66 15.38
C ARG A 154 -17.16 -0.74 15.44
N GLY A 155 -17.67 -1.62 16.26
CA GLY A 155 -19.10 -1.53 16.58
C GLY A 155 -19.92 -2.70 16.02
N THR A 156 -21.19 -2.73 16.45
CA THR A 156 -22.07 -3.87 16.20
C THR A 156 -22.28 -4.27 14.76
N PRO A 157 -22.61 -3.32 13.88
CA PRO A 157 -22.91 -3.77 12.50
C PRO A 157 -21.68 -4.44 11.79
N TYR A 158 -20.49 -3.94 12.12
CA TYR A 158 -19.22 -4.45 11.52
C TYR A 158 -19.04 -5.83 12.05
N PHE A 159 -19.22 -6.01 13.33
CA PHE A 159 -18.98 -7.32 13.87
C PHE A 159 -20.08 -8.31 13.43
N ARG A 160 -21.30 -7.84 13.28
CA ARG A 160 -22.34 -8.75 12.77
C ARG A 160 -21.97 -9.32 11.41
N LEU A 161 -21.27 -8.56 10.55
CA LEU A 161 -20.91 -9.17 9.30
C LEU A 161 -20.00 -10.34 9.51
N ILE A 162 -19.04 -10.17 10.44
CA ILE A 162 -18.08 -11.21 10.70
C ILE A 162 -18.84 -12.44 11.16
N GLN A 163 -19.80 -12.25 12.05
CA GLN A 163 -20.60 -13.41 12.52
C GLN A 163 -21.40 -14.10 11.38
N LEU A 164 -21.96 -13.32 10.50
CA LEU A 164 -22.76 -13.90 9.42
C LEU A 164 -21.84 -14.45 8.33
N PHE A 165 -20.66 -13.83 8.09
CA PHE A 165 -19.74 -14.37 7.09
C PHE A 165 -19.30 -15.76 7.45
N SER A 166 -19.17 -16.07 8.76
CA SER A 166 -18.66 -17.40 9.16
C SER A 166 -19.53 -18.55 8.66
N GLY A 167 -20.78 -18.24 8.30
CA GLY A 167 -21.66 -19.28 7.73
C GLY A 167 -21.51 -19.46 6.21
N LYS A 168 -20.71 -18.61 5.58
CA LYS A 168 -20.67 -18.58 4.11
C LYS A 168 -19.32 -18.89 3.50
N VAL A 169 -18.47 -19.54 4.26
CA VAL A 169 -17.20 -19.94 3.74
C VAL A 169 -16.86 -21.29 4.38
N THR A 170 -16.17 -22.17 3.64
CA THR A 170 -15.74 -23.47 4.21
C THR A 170 -14.30 -23.40 4.76
N ALA A 171 -13.97 -24.36 5.62
CA ALA A 171 -12.59 -24.53 6.11
C ALA A 171 -11.63 -24.70 4.90
N ALA A 172 -12.04 -25.45 3.88
CA ALA A 172 -11.16 -25.70 2.68
C ALA A 172 -10.88 -24.38 1.90
N GLU A 173 -11.91 -23.57 1.71
CA GLU A 173 -11.69 -22.26 1.10
C GLU A 173 -10.67 -21.43 1.86
N MET A 174 -10.82 -21.36 3.17
CA MET A 174 -9.89 -20.57 3.94
C MET A 174 -8.50 -21.17 3.93
N GLU A 175 -8.41 -22.48 4.13
CA GLU A 175 -7.16 -23.21 4.02
C GLU A 175 -6.39 -22.88 2.73
N ALA A 176 -7.08 -22.87 1.59
CA ALA A 176 -6.47 -22.54 0.31
C ALA A 176 -5.76 -21.21 0.32
N ILE A 177 -6.21 -20.27 1.15
CA ILE A 177 -5.69 -18.88 1.13
C ILE A 177 -4.54 -18.61 2.09
N TYR A 178 -4.66 -19.18 3.29
CA TYR A 178 -3.81 -18.78 4.39
C TYR A 178 -3.00 -19.95 5.02
N GLY A 179 -3.17 -21.18 4.52
CA GLY A 179 -2.57 -22.40 5.12
C GLY A 179 -3.33 -23.01 6.31
N GLU A 180 -2.59 -23.51 7.31
CA GLU A 180 -3.18 -24.04 8.57
C GLU A 180 -4.16 -23.13 9.27
N LEU A 181 -5.31 -23.67 9.57
CA LEU A 181 -6.43 -22.86 9.98
C LEU A 181 -6.73 -22.73 11.47
N THR A 182 -5.93 -21.91 12.17
CA THR A 182 -6.07 -21.79 13.61
C THR A 182 -7.40 -21.02 13.83
N PRO A 183 -8.00 -21.16 15.02
CA PRO A 183 -9.12 -20.21 15.26
C PRO A 183 -8.75 -18.74 14.98
N ALA A 184 -7.55 -18.32 15.39
CA ALA A 184 -7.15 -16.90 15.14
C ALA A 184 -7.06 -16.53 13.66
N LYS A 185 -6.46 -17.40 12.80
CA LYS A 185 -6.36 -17.09 11.40
C LYS A 185 -7.70 -17.14 10.75
N MET A 186 -8.59 -17.96 11.27
CA MET A 186 -9.93 -18.02 10.75
C MET A 186 -10.63 -16.72 11.07
N MET A 187 -10.57 -16.32 12.30
CA MET A 187 -11.16 -15.01 12.68
C MET A 187 -10.54 -13.88 11.85
N ALA A 188 -9.21 -13.88 11.71
CA ALA A 188 -8.60 -12.77 10.95
C ALA A 188 -9.07 -12.65 9.52
N SER A 189 -9.27 -13.80 8.87
CA SER A 189 -9.72 -13.80 7.50
C SER A 189 -11.14 -13.19 7.37
N LEU A 190 -12.06 -13.60 8.21
CA LEU A 190 -13.41 -13.00 8.20
C LEU A 190 -13.36 -11.50 8.54
N THR A 191 -12.49 -11.14 9.48
CA THR A 191 -12.46 -9.73 9.97
C THR A 191 -11.90 -8.87 8.84
N GLN A 192 -10.90 -9.40 8.12
CA GLN A 192 -10.38 -8.63 7.02
C GLN A 192 -11.42 -8.44 5.96
N ALA A 193 -12.27 -9.44 5.70
CA ALA A 193 -13.34 -9.24 4.69
C ALA A 193 -14.29 -8.13 5.24
N ALA A 194 -14.65 -8.22 6.54
CA ALA A 194 -15.48 -7.15 7.13
C ALA A 194 -14.85 -5.77 7.03
N ASP A 195 -13.54 -5.69 7.26
CA ASP A 195 -12.86 -4.37 7.06
C ASP A 195 -13.22 -3.78 5.67
N ILE A 196 -13.10 -4.60 4.62
CA ILE A 196 -13.44 -4.10 3.26
C ILE A 196 -14.94 -3.79 3.06
N LEU A 197 -15.80 -4.71 3.46
CA LEU A 197 -17.21 -4.62 3.09
C LEU A 197 -18.01 -3.74 4.05
N HIS A 198 -17.61 -3.54 5.33
CA HIS A 198 -18.52 -2.89 6.29
C HIS A 198 -18.79 -1.44 5.90
N VAL A 199 -17.88 -0.80 5.14
CA VAL A 199 -18.10 0.61 4.77
C VAL A 199 -19.33 0.83 3.88
N GLN A 200 -19.80 -0.25 3.31
CA GLN A 200 -21.05 -0.27 2.53
C GLN A 200 -22.32 -0.21 3.37
N LEU A 201 -22.24 -0.51 4.65
CA LEU A 201 -23.43 -0.36 5.52
C LEU A 201 -23.77 1.09 5.80
N ASP A 202 -25.06 1.40 5.97
CA ASP A 202 -25.49 2.73 6.23
C ASP A 202 -24.85 3.26 7.49
N GLU A 203 -24.67 2.42 8.52
CA GLU A 203 -24.02 2.89 9.73
C GLU A 203 -22.61 3.46 9.57
N TYR A 204 -21.90 3.07 8.52
CA TYR A 204 -20.55 3.62 8.36
C TYR A 204 -20.48 4.61 7.21
N GLY A 205 -21.63 5.02 6.67
CA GLY A 205 -21.66 6.01 5.59
C GLY A 205 -22.19 5.50 4.25
N GLY A 206 -22.41 4.20 4.12
CA GLY A 206 -23.12 3.72 2.95
C GLY A 206 -22.35 3.76 1.64
N TYR A 207 -21.05 3.47 1.72
CA TYR A 207 -20.13 3.56 0.60
C TYR A 207 -20.08 2.24 -0.18
N ARG A 208 -20.99 2.12 -1.10
CA ARG A 208 -21.08 0.89 -1.80
C ARG A 208 -19.89 0.68 -2.75
N HIS A 209 -19.36 1.78 -3.27
CA HIS A 209 -18.28 1.65 -4.25
C HIS A 209 -16.93 1.88 -3.52
N VAL A 210 -16.16 0.82 -3.31
CA VAL A 210 -14.93 0.88 -2.51
C VAL A 210 -13.82 0.26 -3.32
N VAL A 211 -12.62 0.85 -3.27
CA VAL A 211 -11.51 0.25 -3.98
C VAL A 211 -10.46 -0.07 -2.93
N VAL A 212 -9.73 -1.18 -3.11
CA VAL A 212 -8.70 -1.57 -2.16
C VAL A 212 -7.39 -1.69 -2.92
N PRO A 213 -6.33 -0.91 -2.49
CA PRO A 213 -5.09 -1.05 -3.24
C PRO A 213 -4.24 -2.17 -2.68
N VAL A 214 -3.77 -3.08 -3.52
CA VAL A 214 -3.08 -4.27 -2.98
C VAL A 214 -1.94 -4.70 -3.91
N GLY A 215 -1.13 -5.64 -3.44
CA GLY A 215 -0.21 -6.39 -4.32
C GLY A 215 -0.95 -7.62 -4.87
N ALA A 216 -0.43 -8.23 -5.96
CA ALA A 216 -1.11 -9.45 -6.54
C ALA A 216 -1.21 -10.56 -5.55
N ASP A 217 -0.18 -10.64 -4.70
CA ASP A 217 -0.06 -11.70 -3.73
C ASP A 217 -1.17 -11.64 -2.70
N GLN A 218 -1.95 -10.53 -2.69
CA GLN A 218 -3.04 -10.41 -1.76
C GLN A 218 -4.39 -10.66 -2.46
N ASP A 219 -4.38 -11.06 -3.74
CA ASP A 219 -5.65 -11.21 -4.42
C ASP A 219 -6.52 -12.38 -3.93
N PRO A 220 -5.90 -13.52 -3.51
CA PRO A 220 -6.77 -14.63 -3.05
C PRO A 220 -7.75 -14.23 -1.94
N HIS A 221 -7.26 -13.44 -0.97
CA HIS A 221 -8.20 -12.97 0.08
C HIS A 221 -9.27 -12.01 -0.45
N LEU A 222 -8.85 -11.13 -1.35
CA LEU A 222 -9.81 -10.24 -2.00
C LEU A 222 -10.93 -10.98 -2.80
N ARG A 223 -10.59 -12.12 -3.39
CA ARG A 223 -11.54 -12.86 -4.15
C ARG A 223 -12.50 -13.54 -3.17
N LEU A 224 -11.97 -14.01 -2.04
CA LEU A 224 -12.87 -14.62 -1.05
C LEU A 224 -13.85 -13.52 -0.53
N THR A 225 -13.35 -12.31 -0.31
CA THR A 225 -14.21 -11.13 0.08
C THR A 225 -15.29 -10.85 -0.96
N ARG A 226 -14.93 -10.91 -2.25
CA ARG A 226 -15.94 -10.65 -3.30
C ARG A 226 -16.93 -11.79 -3.29
N ASP A 227 -16.48 -13.03 -3.08
CA ASP A 227 -17.46 -14.15 -2.90
C ASP A 227 -18.40 -13.94 -1.70
N LEU A 228 -17.85 -13.57 -0.55
CA LEU A 228 -18.67 -13.25 0.60
C LEU A 228 -19.73 -12.17 0.28
N ALA A 229 -19.38 -11.13 -0.44
CA ALA A 229 -20.39 -10.11 -0.84
C ALA A 229 -21.59 -10.77 -1.61
N ASP A 230 -21.24 -11.58 -2.60
CA ASP A 230 -22.26 -12.26 -3.45
C ASP A 230 -23.09 -13.24 -2.57
N ARG A 231 -22.40 -13.96 -1.68
CA ARG A 231 -23.06 -14.97 -0.81
C ARG A 231 -23.95 -14.35 0.27
N MET A 232 -23.78 -13.07 0.54
CA MET A 232 -24.69 -12.40 1.46
C MET A 232 -25.99 -11.92 0.81
N ALA A 233 -26.14 -12.06 -0.51
CA ALA A 233 -27.41 -11.56 -1.14
C ALA A 233 -28.69 -12.07 -0.43
N GLY A 234 -29.65 -11.22 -0.13
CA GLY A 234 -30.81 -11.67 0.63
C GLY A 234 -30.71 -11.38 2.13
N VAL A 235 -29.49 -11.14 2.60
CA VAL A 235 -29.24 -10.86 3.99
C VAL A 235 -28.80 -9.45 4.14
N VAL A 236 -27.78 -9.05 3.37
CA VAL A 236 -27.47 -7.66 3.31
C VAL A 236 -26.82 -7.48 1.91
N GLU A 237 -27.21 -6.42 1.25
CA GLU A 237 -26.85 -6.26 -0.16
C GLU A 237 -25.46 -5.54 -0.23
N LEU A 238 -24.48 -6.23 -0.75
CA LEU A 238 -23.08 -5.76 -0.79
C LEU A 238 -22.60 -5.83 -2.21
N GLU A 239 -21.83 -4.83 -2.60
CA GLU A 239 -21.17 -4.86 -3.88
C GLU A 239 -19.76 -5.49 -3.73
N ARG A 240 -19.35 -6.19 -4.80
CA ARG A 240 -18.02 -6.76 -4.88
C ARG A 240 -16.96 -5.60 -4.86
N PRO A 241 -15.96 -5.68 -3.98
CA PRO A 241 -15.01 -4.53 -3.97
C PRO A 241 -14.08 -4.52 -5.18
N ALA A 242 -13.77 -3.33 -5.64
CA ALA A 242 -12.76 -3.10 -6.70
C ALA A 242 -11.35 -3.09 -6.08
N SER A 243 -10.32 -3.18 -6.93
CA SER A 243 -8.98 -3.21 -6.50
C SER A 243 -8.04 -2.57 -7.51
N THR A 244 -6.90 -2.07 -7.04
CA THR A 244 -5.82 -1.64 -7.96
C THR A 244 -4.65 -2.46 -7.49
N TYR A 245 -3.67 -2.70 -8.38
CA TYR A 245 -2.60 -3.68 -8.11
C TYR A 245 -1.27 -3.01 -8.33
N HIS A 246 -0.41 -3.08 -7.30
CA HIS A 246 0.89 -2.43 -7.44
C HIS A 246 2.00 -3.50 -7.40
N LYS A 247 3.12 -3.24 -8.06
CA LYS A 247 4.30 -4.12 -7.91
C LYS A 247 4.94 -3.77 -6.60
N LEU A 248 5.35 -4.76 -5.82
CA LEU A 248 6.01 -4.47 -4.55
C LEU A 248 7.46 -3.94 -4.78
N GLN A 249 7.86 -2.97 -3.97
CA GLN A 249 9.19 -2.47 -4.03
C GLN A 249 10.07 -3.47 -3.29
N PRO A 250 11.16 -3.88 -3.95
CA PRO A 250 12.08 -4.78 -3.28
C PRO A 250 12.83 -4.01 -2.18
N GLY A 251 13.22 -4.72 -1.14
CA GLY A 251 14.08 -4.13 -0.09
C GLY A 251 15.45 -3.72 -0.65
N LEU A 252 16.21 -3.01 0.15
CA LEU A 252 17.53 -2.51 -0.28
C LEU A 252 18.51 -3.66 -0.52
N ASP A 253 18.18 -4.85 -0.02
CA ASP A 253 18.94 -6.05 -0.35
C ASP A 253 18.36 -6.87 -1.49
N GLY A 254 17.31 -6.44 -2.14
CA GLY A 254 16.75 -7.27 -3.22
C GLY A 254 15.81 -8.38 -2.71
N ARG A 255 15.72 -8.52 -1.41
CA ARG A 255 14.62 -9.28 -0.83
C ARG A 255 13.47 -8.39 -0.34
N LYS A 256 12.28 -8.98 -0.21
CA LYS A 256 11.07 -8.35 0.38
C LYS A 256 11.30 -7.37 1.55
N MET A 257 10.64 -6.21 1.51
CA MET A 257 10.85 -5.06 2.41
C MET A 257 10.18 -5.36 3.75
N SER A 258 10.95 -5.38 4.85
CA SER A 258 10.44 -5.80 6.18
C SER A 258 10.98 -5.01 7.41
N SER A 259 10.12 -4.64 8.36
CA SER A 259 10.65 -4.23 9.70
C SER A 259 11.54 -5.29 10.40
N SER A 260 11.40 -6.57 10.02
CA SER A 260 12.20 -7.66 10.60
C SER A 260 13.66 -7.56 10.26
N ARG A 261 13.96 -7.17 9.00
CA ARG A 261 15.34 -7.17 8.37
C ARG A 261 15.65 -5.70 8.06
N PRO A 262 15.96 -4.98 9.14
CA PRO A 262 15.88 -3.58 9.29
C PRO A 262 16.83 -2.86 8.36
N ASP A 263 17.91 -3.53 7.97
CA ASP A 263 18.89 -2.96 7.06
C ASP A 263 18.45 -2.75 5.66
N SER A 264 17.49 -3.54 5.20
CA SER A 264 17.01 -3.40 3.87
C SER A 264 15.70 -2.64 3.74
N THR A 265 15.33 -1.96 4.84
CA THR A 265 14.21 -1.05 4.84
C THR A 265 14.63 0.27 5.54
N ILE A 266 14.47 1.38 4.87
CA ILE A 266 14.49 2.70 5.53
C ILE A 266 13.21 2.99 6.31
N PHE A 267 13.33 3.25 7.62
CA PHE A 267 12.16 3.63 8.37
C PHE A 267 11.97 5.12 8.27
N LEU A 268 10.72 5.56 8.25
CA LEU A 268 10.46 7.02 8.19
C LEU A 268 11.02 7.80 9.40
N THR A 269 11.26 7.08 10.48
CA THR A 269 11.84 7.73 11.70
C THR A 269 13.39 7.62 11.80
N ASP A 270 14.03 6.93 10.83
CA ASP A 270 15.47 6.78 10.85
C ASP A 270 16.14 8.17 10.84
N PRO A 271 17.07 8.37 11.77
CA PRO A 271 17.90 9.55 11.72
C PRO A 271 18.73 9.54 10.42
N PRO A 272 19.17 10.71 10.04
CA PRO A 272 19.77 10.88 8.74
C PRO A 272 20.98 10.06 8.60
N GLU A 273 21.84 9.97 9.64
CA GLU A 273 23.02 9.12 9.51
C GLU A 273 22.68 7.66 9.30
N VAL A 274 21.69 7.18 10.04
CA VAL A 274 21.23 5.77 9.91
C VAL A 274 20.64 5.50 8.50
N ALA A 275 19.78 6.40 8.01
CA ALA A 275 19.20 6.16 6.66
C ALA A 275 20.25 6.19 5.60
N ARG A 276 21.18 7.16 5.74
CA ARG A 276 22.21 7.30 4.70
C ARG A 276 23.00 6.04 4.62
N ASN A 277 23.38 5.49 5.75
CA ASN A 277 24.17 4.29 5.67
C ASN A 277 23.42 3.11 5.09
N LYS A 278 22.16 2.95 5.46
CA LYS A 278 21.36 1.91 4.83
C LYS A 278 21.29 2.14 3.34
N LEU A 279 21.06 3.37 2.92
CA LEU A 279 21.03 3.62 1.47
C LEU A 279 22.37 3.27 0.81
N PHE A 280 23.47 3.65 1.48
CA PHE A 280 24.78 3.40 0.85
C PHE A 280 25.20 1.93 0.80
N ARG A 281 24.58 1.14 1.64
CA ARG A 281 24.75 -0.28 1.61
C ARG A 281 23.83 -1.03 0.68
N ALA A 282 22.89 -0.32 0.03
CA ALA A 282 21.92 -1.00 -0.87
C ALA A 282 22.59 -1.75 -2.03
N LEU A 283 22.00 -2.89 -2.41
CA LEU A 283 22.38 -3.55 -3.67
C LEU A 283 22.02 -2.74 -4.93
N THR A 284 22.96 -2.69 -5.85
CA THR A 284 22.78 -1.96 -7.09
C THR A 284 22.94 -2.90 -8.28
N GLY A 285 22.63 -2.40 -9.47
CA GLY A 285 23.06 -3.06 -10.71
C GLY A 285 24.44 -2.59 -11.19
N GLY A 286 25.34 -2.24 -10.27
CA GLY A 286 26.70 -1.75 -10.60
C GLY A 286 27.61 -2.92 -10.99
N ARG A 287 28.87 -2.62 -11.36
CA ARG A 287 29.74 -3.68 -11.90
C ARG A 287 30.98 -3.77 -11.06
N ALA A 288 31.88 -4.66 -11.49
CA ALA A 288 33.13 -4.94 -10.78
C ALA A 288 33.79 -3.70 -10.23
N THR A 289 33.97 -2.70 -11.10
CA THR A 289 34.80 -1.53 -10.81
C THR A 289 34.38 -0.32 -11.62
N ALA A 290 34.81 0.85 -11.13
CA ALA A 290 34.61 2.14 -11.82
C ALA A 290 34.86 1.94 -13.30
N GLU A 291 36.02 1.34 -13.58
CA GLU A 291 36.51 1.05 -14.92
C GLU A 291 35.49 0.29 -15.82
N GLU A 292 34.99 -0.85 -15.35
CA GLU A 292 34.05 -1.70 -16.12
C GLU A 292 32.63 -1.06 -16.27
N GLN A 293 32.22 -0.30 -15.24
CA GLN A 293 30.96 0.44 -15.26
C GLN A 293 30.97 1.48 -16.38
N ARG A 294 32.06 2.21 -16.55
CA ARG A 294 32.11 3.22 -17.63
C ARG A 294 31.91 2.70 -19.04
N ARG A 295 32.50 1.54 -19.34
CA ARG A 295 32.34 0.95 -20.67
C ARG A 295 30.93 0.45 -20.92
N LEU A 296 30.40 -0.35 -20.01
CA LEU A 296 29.11 -1.02 -20.22
C LEU A 296 27.88 -0.27 -19.67
N GLY A 297 28.12 0.55 -18.65
CA GLY A 297 27.06 1.15 -17.82
C GLY A 297 26.48 0.17 -16.79
N GLY A 298 25.35 0.55 -16.20
CA GLY A 298 24.77 -0.28 -15.16
C GLY A 298 23.46 -0.94 -15.54
N VAL A 299 22.89 -1.63 -14.57
CA VAL A 299 21.66 -2.34 -14.78
C VAL A 299 20.58 -1.84 -13.79
N PRO A 300 19.86 -0.75 -14.16
CA PRO A 300 18.83 -0.17 -13.27
C PRO A 300 17.66 -1.13 -12.95
N GLU A 301 17.29 -1.97 -13.91
CA GLU A 301 16.26 -3.03 -13.76
C GLU A 301 16.43 -3.90 -12.49
N VAL A 302 17.66 -4.06 -12.02
CA VAL A 302 17.94 -4.86 -10.80
C VAL A 302 18.50 -4.06 -9.62
N CYS A 303 18.35 -2.73 -9.68
CA CYS A 303 19.08 -1.87 -8.74
C CYS A 303 18.05 -1.33 -7.75
N SER A 304 18.31 -1.54 -6.48
CA SER A 304 17.35 -1.07 -5.46
C SER A 304 17.48 0.47 -5.21
N VAL A 305 18.58 1.08 -5.67
CA VAL A 305 18.70 2.56 -5.58
C VAL A 305 17.79 3.21 -6.62
N TYR A 306 17.87 2.67 -7.83
CA TYR A 306 17.05 3.13 -8.90
C TYR A 306 15.57 2.92 -8.57
N HIS A 307 15.22 1.77 -7.99
CA HIS A 307 13.81 1.61 -7.54
C HIS A 307 13.38 2.58 -6.43
N MET A 308 14.27 2.92 -5.51
CA MET A 308 13.94 3.98 -4.55
C MET A 308 13.64 5.30 -5.31
N ASP A 309 14.48 5.66 -6.30
CA ASP A 309 14.17 6.86 -7.12
C ASP A 309 12.84 6.76 -7.85
N LEU A 310 12.59 5.58 -8.43
CA LEU A 310 11.39 5.39 -9.24
C LEU A 310 10.07 5.39 -8.38
N TYR A 311 10.14 4.80 -7.16
CA TYR A 311 8.92 4.59 -6.35
C TYR A 311 8.64 5.78 -5.47
N HIS A 312 9.70 6.52 -5.08
CA HIS A 312 9.63 7.61 -4.08
C HIS A 312 10.41 8.87 -4.33
N LEU A 313 11.71 8.75 -4.56
CA LEU A 313 12.60 9.95 -4.35
C LEU A 313 12.60 10.98 -5.50
N MET A 314 12.22 10.50 -6.69
CA MET A 314 12.18 11.33 -7.89
C MET A 314 10.80 11.29 -8.57
N PRO A 315 9.82 12.04 -8.03
CA PRO A 315 8.51 12.11 -8.66
C PRO A 315 8.53 12.68 -10.07
N ASP A 316 9.59 13.40 -10.40
CA ASP A 316 9.66 14.10 -11.68
C ASP A 316 10.11 13.09 -12.72
N ASP A 317 9.28 12.80 -13.71
CA ASP A 317 9.62 11.75 -14.71
C ASP A 317 10.98 11.98 -15.44
N GLY A 318 11.24 13.24 -15.81
CA GLY A 318 12.46 13.59 -16.54
C GLY A 318 13.68 13.25 -15.73
N GLU A 319 13.61 13.57 -14.43
CA GLU A 319 14.76 13.40 -13.55
C GLU A 319 15.11 11.90 -13.35
N VAL A 320 14.09 11.07 -13.16
CA VAL A 320 14.37 9.65 -13.00
C VAL A 320 14.75 9.00 -14.34
N LYS A 321 14.15 9.45 -15.46
CA LYS A 321 14.66 9.04 -16.81
C LYS A 321 16.16 9.35 -17.02
N HIS A 322 16.59 10.52 -16.56
CA HIS A 322 17.99 10.89 -16.69
C HIS A 322 18.85 9.97 -15.90
N ILE A 323 18.40 9.56 -14.70
CA ILE A 323 19.21 8.58 -13.99
C ILE A 323 19.34 7.29 -14.80
N TYR A 324 18.21 6.81 -15.34
CA TYR A 324 18.19 5.55 -16.07
C TYR A 324 19.14 5.61 -17.30
N THR A 325 18.96 6.65 -18.10
CA THR A 325 19.72 6.92 -19.32
C THR A 325 21.21 6.97 -18.97
N SER A 326 21.59 7.87 -18.06
CA SER A 326 22.98 8.02 -17.62
C SER A 326 23.64 6.73 -17.16
N CYS A 327 22.97 5.99 -16.26
CA CYS A 327 23.46 4.68 -15.86
C CYS A 327 23.54 3.71 -17.05
N ARG A 328 22.56 3.73 -17.94
CA ARG A 328 22.58 2.82 -19.10
C ARG A 328 23.52 3.28 -20.22
N LEU A 329 24.02 4.52 -20.12
CA LEU A 329 25.00 5.04 -21.08
C LEU A 329 26.45 5.00 -20.59
N GLY A 330 26.69 4.53 -19.39
CA GLY A 330 28.03 4.61 -18.80
C GLY A 330 28.45 5.94 -18.16
N LYS A 331 27.49 6.85 -17.98
CA LYS A 331 27.81 8.23 -17.50
C LYS A 331 27.81 8.44 -15.98
N ILE A 332 27.50 7.40 -15.20
CA ILE A 332 27.36 7.60 -13.79
C ILE A 332 27.79 6.35 -13.03
N LEU A 333 28.49 6.55 -11.92
CA LEU A 333 28.89 5.47 -11.03
C LEU A 333 27.94 5.41 -9.83
N CYS A 334 27.88 4.24 -9.17
CA CYS A 334 26.94 3.99 -8.07
C CYS A 334 27.16 4.87 -6.85
N GLY A 335 28.41 5.22 -6.58
CA GLY A 335 28.71 6.12 -5.48
C GLY A 335 28.01 7.46 -5.70
N GLU A 336 28.06 8.00 -6.92
CA GLU A 336 27.45 9.33 -7.10
C GLU A 336 25.93 9.20 -7.19
N CYS A 337 25.48 8.14 -7.84
CA CYS A 337 24.08 7.84 -7.90
C CYS A 337 23.42 7.70 -6.53
N LYS A 338 24.10 7.01 -5.60
CA LYS A 338 23.67 6.90 -4.21
C LYS A 338 23.68 8.22 -3.52
N GLN A 339 24.71 9.06 -3.72
CA GLN A 339 24.64 10.32 -2.99
C GLN A 339 23.51 11.20 -3.58
N ILE A 340 23.25 11.16 -4.89
CA ILE A 340 22.12 11.90 -5.47
C ILE A 340 20.75 11.46 -4.81
N ALA A 341 20.57 10.16 -4.72
CA ALA A 341 19.35 9.60 -4.09
C ALA A 341 19.36 10.00 -2.62
N TRP A 342 20.55 9.99 -1.98
CA TRP A 342 20.61 10.35 -0.56
C TRP A 342 20.15 11.75 -0.32
N GLU A 343 20.58 12.71 -1.18
CA GLU A 343 20.14 14.09 -0.96
C GLU A 343 18.64 14.28 -1.08
N LYS A 344 18.03 13.50 -1.96
CA LYS A 344 16.57 13.58 -2.05
C LYS A 344 15.95 13.01 -0.74
N LEU A 345 16.48 11.90 -0.29
CA LEU A 345 15.96 11.22 0.93
C LEU A 345 16.18 12.07 2.23
N GLU A 346 17.31 12.76 2.32
CA GLU A 346 17.62 13.53 3.46
C GLU A 346 16.67 14.64 3.59
N ARG A 347 16.36 15.32 2.51
CA ARG A 347 15.36 16.35 2.55
C ARG A 347 13.94 15.80 2.88
N PHE A 348 13.58 14.70 2.23
CA PHE A 348 12.27 14.09 2.53
C PHE A 348 12.20 13.71 4.04
N LEU A 349 13.19 13.01 4.56
CA LEU A 349 13.13 12.61 5.99
C LEU A 349 13.06 13.78 6.94
N ALA A 350 13.80 14.85 6.62
CA ALA A 350 13.85 16.01 7.52
C ALA A 350 12.53 16.71 7.54
N GLU A 351 11.90 16.91 6.42
CA GLU A 351 10.60 17.60 6.44
C GLU A 351 9.56 16.67 7.13
N HIS A 352 9.66 15.35 6.83
CA HIS A 352 8.69 14.40 7.38
C HIS A 352 8.86 14.37 8.91
N GLN A 353 10.10 14.22 9.38
CA GLN A 353 10.32 14.18 10.81
C GLN A 353 9.95 15.45 11.58
N SER A 354 10.01 16.60 10.92
CA SER A 354 9.61 17.87 11.55
C SER A 354 8.12 17.94 11.74
N ARG A 355 7.40 17.08 11.05
CA ARG A 355 5.97 17.09 11.17
C ARG A 355 5.45 16.05 12.20
N LEU A 356 6.33 15.16 12.64
CA LEU A 356 5.94 13.95 13.30
C LEU A 356 5.54 14.15 14.76
N GLU A 357 6.25 14.99 15.51
CA GLU A 357 5.85 15.18 16.92
C GLU A 357 4.49 15.80 17.02
N LYS A 358 4.17 16.77 16.17
CA LYS A 358 2.81 17.33 16.16
C LYS A 358 1.76 16.34 15.66
N ALA A 359 2.07 15.60 14.59
CA ALA A 359 1.17 14.50 14.16
C ALA A 359 0.87 13.53 15.30
N LYS A 360 1.81 13.14 16.14
CA LYS A 360 1.53 12.16 17.22
C LYS A 360 0.45 12.64 18.21
N THR A 361 0.58 13.89 18.61
CA THR A 361 -0.44 14.61 19.42
C THR A 361 -1.83 14.59 18.77
N ILE A 362 -1.88 14.97 17.51
CA ILE A 362 -3.11 14.97 16.75
C ILE A 362 -3.65 13.51 16.69
N ALA A 363 -2.75 12.54 16.54
CA ALA A 363 -3.18 11.16 16.29
C ALA A 363 -4.02 10.61 17.45
N TRP A 364 -3.58 10.82 18.70
CA TRP A 364 -4.32 10.32 19.86
C TRP A 364 -5.74 10.87 19.93
N LYS A 365 -6.02 11.97 19.22
CA LYS A 365 -7.37 12.51 19.15
C LYS A 365 -8.20 12.04 17.95
N LEU A 366 -7.61 11.29 17.03
CA LEU A 366 -8.35 10.83 15.84
C LEU A 366 -9.01 9.44 16.03
N VAL A 367 -8.76 8.83 17.17
CA VAL A 367 -9.29 7.50 17.43
C VAL A 367 -9.74 7.32 18.87
N GLU A 368 -10.64 6.37 19.09
CA GLU A 368 -10.98 5.97 20.45
C GLU A 368 -10.30 4.64 20.68
N PRO A 369 -9.31 4.64 21.52
CA PRO A 369 -8.67 3.34 21.73
C PRO A 369 -9.64 2.37 22.47
N PRO A 370 -9.51 1.06 22.24
CA PRO A 370 -10.41 0.15 22.89
C PRO A 370 -10.06 0.17 24.40
N ARG A 371 -11.06 -0.04 25.25
CA ARG A 371 -10.87 -0.10 26.73
C ARG A 371 -9.98 -1.27 27.26
N PHE A 372 -9.94 -2.46 26.60
CA PHE A 372 -9.08 -3.57 26.99
C PHE A 372 -8.66 -4.30 25.67
#